data_1HV6
#
_entry.id   1HV6
#
_cell.length_a   48.765
_cell.length_b   92.920
_cell.length_c   82.220
_cell.angle_alpha   90.00
_cell.angle_beta   104.11
_cell.angle_gamma   90.00
#
_symmetry.space_group_name_H-M   'C 1 2 1'
#
loop_
_entity.id
_entity.type
_entity.pdbx_description
1 polymer 'ALGINATE LYASE'
2 branched '4-deoxy-alpha-L-erythro-hex-4-enopyranuronic acid-(1-4)-alpha-D-mannopyranuronic acid-(1-4)-alpha-D-glucopyranuronic acid'
3 non-polymer 'SULFATE ION'
4 water water
#
_entity_poly.entity_id   1
_entity_poly.type   'polypeptide(L)'
_entity_poly.pdbx_seq_one_letter_code
;GSHPFDQAVVKDPTASYVDVKARRTFLQSGQLDDRLKAALPKEYDCTTEATPNPQQGEMVIPRRYLSGNHGPVNPDYEPV
VTLYRDFEKISATLGNLYVATGKPVYATCLLNMLDKWAKADALLNYDPKSQSWYQVEWSAATAAFALSTMMAEPNVDTAQ
RERVVKWLNRVARHQTSFPGGDTSCCNNHSYWRGQEATIIGVISKDDELFRWGLGRYVQAMGLINEDGSFVHEMTRHEQS
LHYQNYAMLPLTMIAETASRQGIDLYAYKENGRDIHSARKFVFAAVKNPDLIKKYASEPQDTRAFKPGRGDLNWIEYQRA
RFGFADELGFMTVPIFDPRTGGSATLLAYKP
;
_entity_poly.pdbx_strand_id   A
#
loop_
_chem_comp.id
_chem_comp.type
_chem_comp.name
_chem_comp.formula
GCU D-saccharide, alpha linking 'alpha-D-glucopyranuronic acid' 'C6 H10 O7'
MAV D-saccharide, alpha linking 'alpha-D-mannopyranuronic acid' 'C6 H10 O7'
MAW L-saccharide, alpha linking '4-deoxy-alpha-L-erythro-hex-4-enopyranuronic acid' 'C6 H8 O6'
SO4 non-polymer 'SULFATE ION' 'O4 S -2'
#
# COMPACT_ATOMS: atom_id res chain seq x y z
N GLY A 1 9.12 15.44 14.77
CA GLY A 1 7.72 15.68 14.29
C GLY A 1 6.80 16.09 15.42
N SER A 2 6.97 15.44 16.58
CA SER A 2 6.17 15.69 17.78
C SER A 2 4.86 14.91 17.83
N HIS A 3 4.98 13.68 18.29
CA HIS A 3 3.85 12.76 18.45
C HIS A 3 4.32 11.64 19.37
N PRO A 4 3.39 10.87 19.94
CA PRO A 4 3.78 9.78 20.84
C PRO A 4 4.84 8.79 20.35
N PHE A 5 5.07 8.71 19.04
CA PHE A 5 6.08 7.77 18.53
C PHE A 5 7.27 8.45 17.85
N ASP A 6 7.58 9.69 18.23
CA ASP A 6 8.69 10.40 17.60
C ASP A 6 10.08 9.90 17.99
N GLN A 7 10.14 8.87 18.82
CA GLN A 7 11.42 8.31 19.22
C GLN A 7 11.53 6.83 18.88
N ALA A 8 10.60 6.33 18.07
CA ALA A 8 10.59 4.93 17.65
C ALA A 8 11.83 4.62 16.81
N VAL A 9 12.29 3.39 16.89
CA VAL A 9 13.48 3.00 16.13
C VAL A 9 13.21 1.74 15.30
N VAL A 10 13.95 1.59 14.20
CA VAL A 10 13.80 0.42 13.36
C VAL A 10 14.62 -0.68 14.01
N LYS A 11 13.93 -1.67 14.54
CA LYS A 11 14.56 -2.78 15.24
C LYS A 11 15.17 -3.85 14.33
N ASP A 12 14.46 -4.22 13.26
CA ASP A 12 14.89 -5.26 12.33
C ASP A 12 14.48 -4.93 10.90
N PRO A 13 15.46 -4.56 10.05
CA PRO A 13 15.20 -4.20 8.66
C PRO A 13 14.71 -5.34 7.76
N THR A 14 14.73 -6.57 8.27
CA THR A 14 14.29 -7.71 7.48
C THR A 14 12.93 -8.28 7.93
N ALA A 15 12.28 -7.62 8.87
CA ALA A 15 11.00 -8.09 9.41
C ALA A 15 9.83 -8.05 8.40
N SER A 16 9.92 -7.14 7.43
CA SER A 16 8.89 -7.02 6.41
C SER A 16 7.52 -6.66 6.99
N TYR A 17 6.45 -6.91 6.25
CA TYR A 17 5.10 -6.60 6.73
C TYR A 17 4.31 -7.84 7.12
N VAL A 18 4.96 -9.01 7.03
CA VAL A 18 4.38 -10.30 7.39
C VAL A 18 5.54 -11.20 7.82
N ASP A 19 5.24 -12.32 8.46
CA ASP A 19 6.29 -13.26 8.86
C ASP A 19 6.47 -14.21 7.69
N VAL A 20 7.42 -13.87 6.81
CA VAL A 20 7.68 -14.64 5.61
C VAL A 20 7.93 -16.15 5.83
N LYS A 21 8.88 -16.48 6.70
CA LYS A 21 9.20 -17.87 7.00
C LYS A 21 7.97 -18.67 7.43
N ALA A 22 7.32 -18.18 8.49
CA ALA A 22 6.15 -18.84 9.04
C ALA A 22 4.99 -18.97 8.05
N ARG A 23 4.78 -17.94 7.24
CA ARG A 23 3.69 -17.97 6.27
C ARG A 23 4.00 -18.94 5.14
N ARG A 24 5.26 -18.98 4.72
CA ARG A 24 5.69 -19.89 3.65
C ARG A 24 5.48 -21.32 4.11
N THR A 25 5.85 -21.60 5.35
CA THR A 25 5.70 -22.94 5.92
C THR A 25 4.25 -23.39 5.91
N PHE A 26 3.35 -22.51 6.36
CA PHE A 26 1.94 -22.83 6.38
C PHE A 26 1.43 -23.11 4.97
N LEU A 27 1.87 -22.32 4.01
CA LEU A 27 1.43 -22.49 2.63
C LEU A 27 1.96 -23.76 1.97
N GLN A 28 3.09 -24.27 2.46
CA GLN A 28 3.69 -25.47 1.88
C GLN A 28 3.32 -26.79 2.53
N SER A 29 2.98 -26.77 3.81
CA SER A 29 2.64 -27.98 4.52
C SER A 29 1.15 -28.10 4.81
N GLY A 30 0.61 -27.08 5.47
CA GLY A 30 -0.79 -27.06 5.83
C GLY A 30 -1.79 -27.42 4.75
N GLN A 31 -3.03 -27.59 5.17
CA GLN A 31 -4.11 -27.91 4.23
C GLN A 31 -4.86 -26.63 3.94
N LEU A 32 -4.76 -26.18 2.69
CA LEU A 32 -5.40 -24.95 2.25
C LEU A 32 -6.83 -25.22 1.80
N ASP A 33 -7.76 -24.36 2.19
CA ASP A 33 -9.14 -24.53 1.75
C ASP A 33 -9.19 -24.02 0.32
N ASP A 34 -10.35 -24.11 -0.32
CA ASP A 34 -10.51 -23.67 -1.72
C ASP A 34 -10.15 -22.22 -1.96
N ARG A 35 -10.47 -21.36 -1.00
CA ARG A 35 -10.19 -19.94 -1.13
C ARG A 35 -8.68 -19.70 -1.20
N LEU A 36 -7.94 -20.27 -0.25
CA LEU A 36 -6.49 -20.10 -0.22
C LEU A 36 -5.84 -20.70 -1.47
N LYS A 37 -6.38 -21.82 -1.92
CA LYS A 37 -5.84 -22.49 -3.10
C LYS A 37 -5.93 -21.60 -4.31
N ALA A 38 -7.09 -20.95 -4.46
CA ALA A 38 -7.31 -20.05 -5.59
C ALA A 38 -6.37 -18.84 -5.53
N ALA A 39 -5.84 -18.56 -4.35
CA ALA A 39 -4.95 -17.41 -4.17
C ALA A 39 -3.48 -17.68 -4.51
N LEU A 40 -3.10 -18.95 -4.64
CA LEU A 40 -1.71 -19.30 -4.95
C LEU A 40 -1.27 -18.72 -6.30
N PRO A 41 -0.12 -18.04 -6.34
CA PRO A 41 0.38 -17.44 -7.58
C PRO A 41 0.87 -18.52 -8.54
N LYS A 42 0.71 -18.28 -9.83
CA LYS A 42 1.17 -19.22 -10.83
C LYS A 42 2.65 -18.94 -11.09
N GLU A 43 3.47 -19.97 -10.99
CA GLU A 43 4.91 -19.81 -11.24
C GLU A 43 5.18 -19.64 -12.73
N TYR A 44 6.19 -18.84 -13.06
CA TYR A 44 6.57 -18.64 -14.45
C TYR A 44 8.07 -18.35 -14.49
N ASP A 45 8.67 -18.46 -15.67
CA ASP A 45 10.10 -18.20 -15.82
C ASP A 45 10.34 -16.72 -16.05
N CYS A 46 10.57 -16.01 -14.94
CA CYS A 46 10.77 -14.59 -14.99
C CYS A 46 12.15 -14.18 -15.50
N THR A 47 13.10 -15.12 -15.48
CA THR A 47 14.46 -14.81 -15.92
C THR A 47 14.59 -14.44 -17.39
N THR A 48 13.65 -14.87 -18.23
CA THR A 48 13.74 -14.52 -19.65
C THR A 48 12.71 -13.50 -20.12
N GLU A 49 12.01 -12.87 -19.18
CA GLU A 49 11.02 -11.87 -19.59
C GLU A 49 11.44 -10.45 -19.18
N ALA A 50 11.32 -9.52 -20.12
CA ALA A 50 11.68 -8.14 -19.87
C ALA A 50 10.52 -7.42 -19.15
N THR A 51 10.86 -6.42 -18.36
CA THR A 51 9.87 -5.66 -17.58
C THR A 51 9.81 -4.21 -18.04
N PRO A 52 8.81 -3.45 -17.56
CA PRO A 52 8.70 -2.04 -17.97
C PRO A 52 9.98 -1.22 -17.73
N ASN A 53 10.30 -0.33 -18.67
CA ASN A 53 11.46 0.54 -18.53
C ASN A 53 10.98 1.87 -17.97
N PRO A 54 11.84 2.56 -17.21
CA PRO A 54 11.46 3.86 -16.63
C PRO A 54 11.46 4.99 -17.66
N GLN A 55 10.60 5.98 -17.46
CA GLN A 55 10.55 7.13 -18.37
C GLN A 55 11.91 7.80 -18.22
N GLN A 56 12.46 8.30 -19.33
CA GLN A 56 13.76 8.95 -19.24
C GLN A 56 13.60 10.46 -19.09
N GLY A 57 14.36 11.02 -18.16
CA GLY A 57 14.29 12.45 -17.92
C GLY A 57 13.29 12.75 -16.82
N GLU A 58 12.52 13.82 -17.02
CA GLU A 58 11.53 14.24 -16.05
C GLU A 58 10.28 13.35 -16.10
N MET A 59 9.76 13.02 -14.92
CA MET A 59 8.59 12.17 -14.83
C MET A 59 7.33 13.01 -15.06
N VAL A 60 6.54 12.67 -16.07
CA VAL A 60 5.33 13.41 -16.35
C VAL A 60 4.15 12.51 -16.61
N ILE A 61 3.10 12.64 -15.79
CA ILE A 61 1.89 11.86 -16.00
C ILE A 61 0.96 12.83 -16.74
N PRO A 62 0.64 12.53 -18.00
CA PRO A 62 -0.24 13.37 -18.83
C PRO A 62 -1.61 13.62 -18.19
N ARG A 63 -2.28 14.69 -18.60
CA ARG A 63 -3.61 14.97 -18.09
C ARG A 63 -4.54 13.94 -18.74
N ARG A 64 -5.56 13.52 -18.01
CA ARG A 64 -6.49 12.53 -18.50
C ARG A 64 -7.39 13.06 -19.62
N TYR A 65 -7.71 14.35 -19.56
CA TYR A 65 -8.58 14.97 -20.56
C TYR A 65 -7.81 16.06 -21.29
N LEU A 66 -8.10 16.24 -22.57
CA LEU A 66 -7.41 17.25 -23.36
C LEU A 66 -7.57 18.63 -22.75
N SER A 67 -8.64 18.81 -22.01
CA SER A 67 -8.92 20.08 -21.36
C SER A 67 -9.97 19.94 -20.27
N GLY A 68 -9.68 20.50 -19.11
CA GLY A 68 -10.63 20.42 -18.01
C GLY A 68 -10.67 19.10 -17.26
N ASN A 69 -11.79 18.86 -16.60
CA ASN A 69 -12.02 17.66 -15.81
C ASN A 69 -12.83 16.58 -16.54
N HIS A 70 -13.23 16.85 -17.77
CA HIS A 70 -14.05 15.88 -18.51
C HIS A 70 -14.00 16.12 -20.01
N GLY A 71 -14.78 15.34 -20.76
CA GLY A 71 -14.83 15.50 -22.21
C GLY A 71 -13.82 14.68 -23.02
N PRO A 72 -13.35 15.22 -24.15
CA PRO A 72 -12.39 14.54 -25.02
C PRO A 72 -11.21 14.01 -24.19
N VAL A 73 -10.83 12.77 -24.45
CA VAL A 73 -9.74 12.15 -23.71
C VAL A 73 -8.36 12.40 -24.33
N ASN A 74 -7.34 12.47 -23.48
CA ASN A 74 -5.97 12.67 -23.95
C ASN A 74 -5.38 11.28 -24.21
N PRO A 75 -5.04 10.99 -25.48
CA PRO A 75 -4.46 9.68 -25.85
C PRO A 75 -3.11 9.32 -25.21
N ASP A 76 -2.40 10.31 -24.66
CA ASP A 76 -1.12 10.05 -24.02
C ASP A 76 -1.28 9.45 -22.64
N TYR A 77 -2.44 9.66 -22.02
CA TYR A 77 -2.69 9.17 -20.67
C TYR A 77 -2.63 7.66 -20.47
N GLU A 78 -3.41 6.91 -21.24
CA GLU A 78 -3.44 5.46 -21.09
C GLU A 78 -2.08 4.77 -21.12
N PRO A 79 -1.28 5.00 -22.19
CA PRO A 79 0.03 4.34 -22.24
C PRO A 79 0.98 4.66 -21.10
N VAL A 80 0.92 5.87 -20.56
CA VAL A 80 1.82 6.22 -19.47
C VAL A 80 1.40 5.60 -18.13
N VAL A 81 0.12 5.67 -17.77
CA VAL A 81 -0.29 5.09 -16.50
C VAL A 81 -0.18 3.57 -16.50
N THR A 82 -0.32 2.95 -17.67
CA THR A 82 -0.21 1.49 -17.77
C THR A 82 1.23 1.06 -17.45
N LEU A 83 2.18 1.86 -17.89
CA LEU A 83 3.59 1.59 -17.63
C LEU A 83 3.78 1.43 -16.12
N TYR A 84 3.23 2.37 -15.34
CA TYR A 84 3.36 2.33 -13.89
C TYR A 84 2.57 1.21 -13.23
N ARG A 85 1.35 0.98 -13.70
CA ARG A 85 0.54 -0.08 -13.14
C ARG A 85 1.12 -1.47 -13.45
N ASP A 86 1.85 -1.60 -14.56
CA ASP A 86 2.47 -2.89 -14.89
C ASP A 86 3.67 -3.07 -13.96
N PHE A 87 4.41 -1.99 -13.76
CA PHE A 87 5.56 -1.99 -12.85
C PHE A 87 5.08 -2.47 -11.48
N GLU A 88 3.98 -1.91 -11.00
CA GLU A 88 3.44 -2.28 -9.69
C GLU A 88 2.92 -3.71 -9.64
N LYS A 89 2.22 -4.15 -10.69
CA LYS A 89 1.68 -5.51 -10.73
C LYS A 89 2.82 -6.55 -10.74
N ILE A 90 3.84 -6.32 -11.56
CA ILE A 90 4.96 -7.25 -11.64
C ILE A 90 5.75 -7.31 -10.33
N SER A 91 5.97 -6.14 -9.72
CA SER A 91 6.71 -6.09 -8.46
C SER A 91 6.01 -6.90 -7.38
N ALA A 92 4.70 -6.69 -7.23
CA ALA A 92 3.92 -7.38 -6.21
C ALA A 92 3.83 -8.88 -6.48
N THR A 93 3.67 -9.25 -7.74
CA THR A 93 3.59 -10.67 -8.09
C THR A 93 4.89 -11.41 -7.74
N LEU A 94 6.04 -10.82 -8.07
CA LEU A 94 7.32 -11.45 -7.78
C LEU A 94 7.52 -11.55 -6.26
N GLY A 95 7.08 -10.52 -5.54
CA GLY A 95 7.18 -10.54 -4.09
C GLY A 95 6.34 -11.68 -3.53
N ASN A 96 5.10 -11.80 -4.02
CA ASN A 96 4.21 -12.88 -3.58
C ASN A 96 4.76 -14.28 -3.95
N LEU A 97 5.35 -14.42 -5.15
CA LEU A 97 5.91 -15.71 -5.55
C LEU A 97 7.07 -16.09 -4.64
N TYR A 98 7.94 -15.13 -4.32
CA TYR A 98 9.07 -15.43 -3.43
C TYR A 98 8.61 -15.89 -2.04
N VAL A 99 7.49 -15.35 -1.55
CA VAL A 99 6.98 -15.73 -0.25
C VAL A 99 6.41 -17.15 -0.29
N ALA A 100 5.60 -17.43 -1.31
CA ALA A 100 4.95 -18.72 -1.47
C ALA A 100 5.89 -19.89 -1.78
N THR A 101 6.86 -19.68 -2.66
CA THR A 101 7.78 -20.76 -3.05
C THR A 101 9.12 -20.76 -2.34
N GLY A 102 9.64 -19.58 -2.02
CA GLY A 102 10.94 -19.51 -1.36
C GLY A 102 12.10 -19.60 -2.34
N LYS A 103 11.80 -19.69 -3.63
CA LYS A 103 12.84 -19.79 -4.64
C LYS A 103 13.56 -18.47 -4.91
N PRO A 104 14.88 -18.43 -4.69
CA PRO A 104 15.67 -17.22 -4.90
C PRO A 104 15.54 -16.60 -6.30
N VAL A 105 15.18 -17.41 -7.30
CA VAL A 105 15.06 -16.88 -8.66
C VAL A 105 14.10 -15.70 -8.79
N TYR A 106 13.02 -15.70 -8.01
CA TYR A 106 12.07 -14.60 -8.09
C TYR A 106 12.65 -13.32 -7.49
N ALA A 107 13.54 -13.46 -6.50
CA ALA A 107 14.18 -12.29 -5.89
C ALA A 107 15.15 -11.70 -6.91
N THR A 108 15.85 -12.55 -7.65
CA THR A 108 16.79 -12.08 -8.67
C THR A 108 16.06 -11.29 -9.76
N CYS A 109 14.89 -11.77 -10.15
CA CYS A 109 14.12 -11.08 -11.16
C CYS A 109 13.70 -9.69 -10.69
N LEU A 110 13.22 -9.60 -9.45
CA LEU A 110 12.79 -8.33 -8.90
C LEU A 110 13.96 -7.34 -8.85
N LEU A 111 15.09 -7.78 -8.30
CA LEU A 111 16.25 -6.92 -8.22
C LEU A 111 16.71 -6.43 -9.58
N ASN A 112 16.69 -7.30 -10.59
CA ASN A 112 17.11 -6.87 -11.92
C ASN A 112 16.21 -5.76 -12.44
N MET A 113 14.91 -5.88 -12.20
CA MET A 113 13.98 -4.85 -12.65
C MET A 113 14.21 -3.54 -11.91
N LEU A 114 14.28 -3.60 -10.58
CA LEU A 114 14.47 -2.41 -9.77
C LEU A 114 15.82 -1.74 -9.99
N ASP A 115 16.86 -2.53 -10.24
CA ASP A 115 18.19 -1.97 -10.49
C ASP A 115 18.14 -1.11 -11.75
N LYS A 116 17.29 -1.51 -12.69
CA LYS A 116 17.12 -0.79 -13.96
C LYS A 116 16.52 0.58 -13.66
N TRP A 117 15.56 0.62 -12.75
CA TRP A 117 14.92 1.88 -12.38
C TRP A 117 15.82 2.77 -11.53
N ALA A 118 16.60 2.17 -10.63
CA ALA A 118 17.49 2.94 -9.77
C ALA A 118 18.59 3.61 -10.61
N LYS A 119 19.21 2.84 -11.50
CA LYS A 119 20.28 3.38 -12.34
C LYS A 119 19.83 4.58 -13.15
N ALA A 120 18.56 4.58 -13.54
CA ALA A 120 17.99 5.68 -14.32
C ALA A 120 17.44 6.82 -13.46
N ASP A 121 17.63 6.72 -12.15
CA ASP A 121 17.15 7.73 -11.21
C ASP A 121 15.64 8.01 -11.35
N ALA A 122 14.86 6.94 -11.53
CA ALA A 122 13.41 7.06 -11.68
C ALA A 122 12.72 7.50 -10.39
N LEU A 123 11.51 8.04 -10.54
CA LEU A 123 10.69 8.51 -9.42
C LEU A 123 11.33 9.63 -8.61
N LEU A 124 12.26 10.37 -9.23
CA LEU A 124 12.95 11.46 -8.53
C LEU A 124 12.84 12.86 -9.14
N ASN A 125 12.71 12.94 -10.46
CA ASN A 125 12.61 14.24 -11.14
C ASN A 125 11.20 14.53 -11.65
N TYR A 126 10.50 15.42 -10.96
CA TYR A 126 9.13 15.76 -11.35
C TYR A 126 8.65 17.04 -10.66
N ASP A 127 7.49 17.53 -11.12
CA ASP A 127 6.87 18.72 -10.56
C ASP A 127 6.03 18.22 -9.38
N PRO A 128 6.38 18.64 -8.14
CA PRO A 128 5.63 18.21 -6.95
C PRO A 128 4.17 18.67 -6.92
N LYS A 129 3.82 19.59 -7.81
CA LYS A 129 2.46 20.10 -7.89
C LYS A 129 1.63 19.31 -8.89
N SER A 130 2.20 18.27 -9.47
CA SER A 130 1.50 17.46 -10.46
C SER A 130 1.09 16.07 -9.99
N GLN A 131 0.41 15.35 -10.86
CA GLN A 131 -0.05 13.99 -10.57
C GLN A 131 1.13 13.05 -10.32
N SER A 132 2.28 13.39 -10.90
CA SER A 132 3.48 12.58 -10.72
C SER A 132 3.79 12.37 -9.24
N TRP A 133 3.53 13.39 -8.44
CA TRP A 133 3.81 13.32 -7.00
C TRP A 133 3.04 12.17 -6.35
N TYR A 134 1.79 11.99 -6.75
CA TYR A 134 0.96 10.92 -6.21
C TYR A 134 1.36 9.57 -6.77
N GLN A 135 1.76 9.54 -8.04
CA GLN A 135 2.14 8.27 -8.65
C GLN A 135 3.36 7.70 -7.94
N VAL A 136 4.30 8.57 -7.56
CA VAL A 136 5.51 8.14 -6.86
C VAL A 136 5.20 7.42 -5.52
N GLU A 137 4.30 7.97 -4.72
CA GLU A 137 3.97 7.38 -3.44
C GLU A 137 3.45 5.93 -3.60
N TRP A 138 2.67 5.70 -4.65
CA TRP A 138 2.12 4.37 -4.89
C TRP A 138 3.15 3.38 -5.44
N SER A 139 3.93 3.80 -6.43
CA SER A 139 4.92 2.91 -7.03
C SER A 139 6.13 2.60 -6.14
N ALA A 140 6.60 3.58 -5.38
CA ALA A 140 7.74 3.33 -4.50
C ALA A 140 7.33 2.33 -3.40
N ALA A 141 6.17 2.53 -2.79
CA ALA A 141 5.71 1.63 -1.74
C ALA A 141 5.52 0.22 -2.26
N THR A 142 4.89 0.08 -3.43
CA THR A 142 4.66 -1.24 -4.02
C THR A 142 5.96 -2.02 -4.19
N ALA A 143 6.99 -1.37 -4.74
CA ALA A 143 8.27 -2.02 -4.94
C ALA A 143 8.93 -2.33 -3.58
N ALA A 144 8.83 -1.39 -2.64
CA ALA A 144 9.40 -1.57 -1.29
C ALA A 144 8.78 -2.75 -0.54
N PHE A 145 7.46 -2.92 -0.65
CA PHE A 145 6.80 -4.05 0.01
C PHE A 145 7.34 -5.37 -0.51
N ALA A 146 7.43 -5.48 -1.84
CA ALA A 146 7.95 -6.70 -2.46
C ALA A 146 9.38 -7.00 -2.00
N LEU A 147 10.26 -6.00 -2.05
CA LEU A 147 11.66 -6.15 -1.65
C LEU A 147 11.85 -6.49 -0.17
N SER A 148 11.00 -5.92 0.69
CA SER A 148 11.12 -6.15 2.14
C SER A 148 11.02 -7.62 2.53
N THR A 149 10.43 -8.45 1.67
CA THR A 149 10.30 -9.88 1.94
C THR A 149 11.58 -10.66 1.63
N MET A 150 12.51 -10.03 0.91
CA MET A 150 13.76 -10.70 0.53
C MET A 150 15.03 -10.02 1.03
N MET A 151 14.91 -9.28 2.14
CA MET A 151 16.06 -8.59 2.71
C MET A 151 17.00 -9.54 3.43
N ALA A 152 16.53 -10.76 3.70
CA ALA A 152 17.35 -11.75 4.38
C ALA A 152 17.79 -12.87 3.42
N GLU A 153 17.50 -12.70 2.14
CA GLU A 153 17.86 -13.70 1.14
C GLU A 153 19.35 -13.62 0.82
N PRO A 154 20.10 -14.70 1.14
CA PRO A 154 21.54 -14.78 0.91
C PRO A 154 21.98 -15.04 -0.54
N ASN A 155 21.18 -15.81 -1.28
CA ASN A 155 21.51 -16.13 -2.66
C ASN A 155 21.05 -15.07 -3.64
N VAL A 156 21.56 -13.85 -3.48
CA VAL A 156 21.20 -12.75 -4.37
C VAL A 156 22.35 -11.73 -4.39
N ASP A 157 22.52 -10.99 -5.48
CA ASP A 157 23.60 -10.01 -5.55
C ASP A 157 23.38 -8.95 -4.46
N THR A 158 24.17 -9.04 -3.40
CA THR A 158 24.05 -8.10 -2.28
C THR A 158 24.38 -6.65 -2.60
N ALA A 159 25.32 -6.43 -3.52
CA ALA A 159 25.70 -5.07 -3.88
C ALA A 159 24.55 -4.43 -4.67
N GLN A 160 23.83 -5.26 -5.41
CA GLN A 160 22.72 -4.79 -6.20
C GLN A 160 21.58 -4.39 -5.26
N ARG A 161 21.27 -5.24 -4.29
CA ARG A 161 20.22 -4.95 -3.30
C ARG A 161 20.51 -3.64 -2.58
N GLU A 162 21.78 -3.41 -2.25
CA GLU A 162 22.16 -2.17 -1.55
C GLU A 162 21.90 -0.94 -2.39
N ARG A 163 22.22 -1.03 -3.67
CA ARG A 163 22.01 0.07 -4.60
C ARG A 163 20.51 0.41 -4.72
N VAL A 164 19.68 -0.62 -4.80
CA VAL A 164 18.24 -0.43 -4.91
C VAL A 164 17.68 0.19 -3.64
N VAL A 165 18.11 -0.32 -2.48
CA VAL A 165 17.63 0.20 -1.20
C VAL A 165 17.99 1.69 -1.04
N LYS A 166 19.20 2.07 -1.44
CA LYS A 166 19.61 3.47 -1.32
C LYS A 166 18.73 4.33 -2.21
N TRP A 167 18.41 3.79 -3.38
CA TRP A 167 17.56 4.48 -4.33
C TRP A 167 16.17 4.72 -3.73
N LEU A 168 15.53 3.68 -3.20
CA LEU A 168 14.20 3.83 -2.62
C LEU A 168 14.22 4.83 -1.46
N ASN A 169 15.30 4.80 -0.67
CA ASN A 169 15.43 5.72 0.45
C ASN A 169 15.45 7.15 -0.08
N ARG A 170 16.19 7.39 -1.16
CA ARG A 170 16.25 8.71 -1.75
C ARG A 170 14.88 9.09 -2.28
N VAL A 171 14.23 8.16 -2.96
CA VAL A 171 12.91 8.42 -3.51
C VAL A 171 11.92 8.86 -2.43
N ALA A 172 11.86 8.11 -1.33
CA ALA A 172 10.92 8.46 -0.26
C ALA A 172 11.25 9.76 0.45
N ARG A 173 12.53 10.01 0.73
CA ARG A 173 12.89 11.23 1.42
C ARG A 173 12.49 12.44 0.57
N HIS A 174 12.68 12.34 -0.75
CA HIS A 174 12.30 13.43 -1.63
C HIS A 174 10.79 13.62 -1.74
N GLN A 175 10.06 12.52 -1.93
CA GLN A 175 8.60 12.59 -2.08
C GLN A 175 7.90 13.15 -0.86
N THR A 176 8.31 12.72 0.34
CA THR A 176 7.69 13.17 1.57
C THR A 176 8.18 14.51 2.07
N SER A 177 9.16 15.10 1.40
CA SER A 177 9.68 16.39 1.84
C SER A 177 8.67 17.50 1.53
N PHE A 178 7.79 17.26 0.57
CA PHE A 178 6.77 18.25 0.19
C PHE A 178 5.56 18.11 1.12
N PRO A 179 5.03 19.22 1.63
CA PRO A 179 3.88 19.26 2.54
C PRO A 179 2.48 18.98 1.97
N GLY A 180 2.23 19.41 0.75
CA GLY A 180 0.92 19.22 0.15
C GLY A 180 0.04 20.40 0.51
N GLY A 181 -1.13 20.51 -0.11
CA GLY A 181 -2.03 21.63 0.17
C GLY A 181 -2.94 21.46 1.37
N ASP A 182 -4.09 22.14 1.34
CA ASP A 182 -5.06 22.08 2.44
C ASP A 182 -5.69 20.71 2.64
N THR A 183 -5.74 19.90 1.57
CA THR A 183 -6.32 18.59 1.69
C THR A 183 -5.25 17.49 1.64
N SER A 184 -4.40 17.53 0.62
CA SER A 184 -3.36 16.52 0.45
C SER A 184 -2.35 16.48 1.62
N CYS A 185 -2.37 17.52 2.45
CA CYS A 185 -1.51 17.58 3.62
C CYS A 185 -1.99 16.59 4.64
N CYS A 186 -3.31 16.41 4.63
CA CYS A 186 -3.93 15.64 5.68
C CYS A 186 -5.00 14.60 5.37
N ASN A 187 -5.30 14.35 4.09
CA ASN A 187 -6.32 13.35 3.75
C ASN A 187 -5.67 11.98 3.49
N ASN A 188 -6.32 11.11 2.73
CA ASN A 188 -5.76 9.78 2.49
C ASN A 188 -4.37 9.82 1.83
N HIS A 189 -4.07 10.87 1.05
CA HIS A 189 -2.74 10.98 0.42
C HIS A 189 -1.65 11.07 1.51
N SER A 190 -1.96 11.75 2.60
CA SER A 190 -0.99 11.85 3.68
C SER A 190 -0.71 10.45 4.21
N TYR A 191 -1.74 9.60 4.27
CA TYR A 191 -1.56 8.25 4.76
C TYR A 191 -0.80 7.38 3.77
N TRP A 192 -1.02 7.59 2.47
CA TRP A 192 -0.28 6.82 1.47
C TRP A 192 1.20 7.22 1.61
N ARG A 193 1.48 8.51 1.81
CA ARG A 193 2.86 8.93 1.98
C ARG A 193 3.37 8.28 3.27
N GLY A 194 2.45 8.08 4.22
CA GLY A 194 2.81 7.45 5.47
C GLY A 194 3.29 6.02 5.32
N GLN A 195 2.55 5.19 4.55
CA GLN A 195 2.96 3.79 4.38
C GLN A 195 4.25 3.72 3.56
N GLU A 196 4.43 4.67 2.65
CA GLU A 196 5.64 4.72 1.82
C GLU A 196 6.89 4.95 2.69
N ALA A 197 6.82 5.93 3.57
CA ALA A 197 7.94 6.27 4.46
C ALA A 197 8.20 5.15 5.47
N THR A 198 7.13 4.55 5.97
CA THR A 198 7.24 3.47 6.95
C THR A 198 7.94 2.21 6.43
N ILE A 199 7.47 1.66 5.31
CA ILE A 199 8.10 0.43 4.80
C ILE A 199 9.51 0.68 4.28
N ILE A 200 9.75 1.85 3.69
CA ILE A 200 11.08 2.16 3.18
C ILE A 200 12.02 2.53 4.35
N GLY A 201 11.46 3.20 5.36
CA GLY A 201 12.25 3.54 6.53
C GLY A 201 12.79 2.26 7.19
N VAL A 202 11.98 1.21 7.17
CA VAL A 202 12.34 -0.09 7.74
C VAL A 202 13.44 -0.83 6.93
N ILE A 203 13.28 -0.92 5.61
CA ILE A 203 14.28 -1.62 4.81
C ILE A 203 15.59 -0.86 4.65
N SER A 204 15.54 0.46 4.73
CA SER A 204 16.75 1.26 4.62
C SER A 204 17.27 1.60 6.02
N LYS A 205 16.61 1.06 7.04
CA LYS A 205 16.98 1.28 8.43
C LYS A 205 17.20 2.76 8.72
N ASP A 206 16.26 3.58 8.26
CA ASP A 206 16.30 5.02 8.45
C ASP A 206 15.24 5.39 9.49
N ASP A 207 15.65 5.53 10.75
CA ASP A 207 14.71 5.85 11.83
C ASP A 207 13.92 7.13 11.63
N GLU A 208 14.55 8.16 11.06
CA GLU A 208 13.86 9.42 10.85
C GLU A 208 12.66 9.28 9.91
N LEU A 209 12.85 8.53 8.82
CA LEU A 209 11.80 8.32 7.84
C LEU A 209 10.71 7.45 8.48
N PHE A 210 11.13 6.39 9.16
CA PHE A 210 10.22 5.47 9.85
C PHE A 210 9.29 6.27 10.80
N ARG A 211 9.89 7.17 11.58
CA ARG A 211 9.13 8.00 12.52
C ARG A 211 8.13 8.93 11.84
N TRP A 212 8.56 9.54 10.74
CA TRP A 212 7.71 10.44 10.01
C TRP A 212 6.49 9.64 9.54
N GLY A 213 6.74 8.41 9.09
CA GLY A 213 5.69 7.55 8.61
C GLY A 213 4.66 7.23 9.67
N LEU A 214 5.12 6.79 10.84
CA LEU A 214 4.20 6.47 11.94
C LEU A 214 3.37 7.70 12.30
N GLY A 215 3.98 8.88 12.16
CA GLY A 215 3.31 10.12 12.46
C GLY A 215 2.06 10.40 11.62
N ARG A 216 2.00 9.84 10.41
CA ARG A 216 0.84 10.05 9.55
C ARG A 216 -0.34 9.25 10.11
N TYR A 217 -0.04 8.09 10.71
CA TYR A 217 -1.09 7.26 11.30
C TYR A 217 -1.71 8.04 12.46
N VAL A 218 -0.85 8.67 13.27
CA VAL A 218 -1.30 9.46 14.43
C VAL A 218 -2.17 10.61 13.95
N GLN A 219 -1.72 11.30 12.91
CA GLN A 219 -2.48 12.41 12.34
C GLN A 219 -3.90 11.98 11.96
N ALA A 220 -3.99 10.81 11.34
CA ALA A 220 -5.28 10.28 10.90
C ALA A 220 -6.24 10.03 12.04
N MET A 221 -5.75 9.44 13.13
CA MET A 221 -6.61 9.15 14.28
C MET A 221 -7.28 10.39 14.84
N GLY A 222 -6.65 11.54 14.65
CA GLY A 222 -7.22 12.78 15.16
C GLY A 222 -8.16 13.44 14.17
N LEU A 223 -8.35 12.81 13.02
CA LEU A 223 -9.21 13.35 11.99
C LEU A 223 -10.41 12.44 11.77
N ILE A 224 -10.77 11.70 12.81
CA ILE A 224 -11.91 10.81 12.74
C ILE A 224 -13.07 11.45 13.49
N ASN A 225 -14.24 11.44 12.86
CA ASN A 225 -15.45 12.00 13.47
C ASN A 225 -15.97 11.07 14.57
N GLU A 226 -17.00 11.53 15.28
CA GLU A 226 -17.63 10.78 16.37
C GLU A 226 -18.16 9.41 15.93
N ASP A 227 -18.51 9.28 14.66
CA ASP A 227 -19.07 8.03 14.16
C ASP A 227 -18.06 7.14 13.44
N GLY A 228 -16.80 7.57 13.41
CA GLY A 228 -15.76 6.79 12.77
C GLY A 228 -15.45 7.21 11.34
N SER A 229 -16.12 8.24 10.84
CA SER A 229 -15.86 8.72 9.48
C SER A 229 -14.65 9.65 9.46
N PHE A 230 -13.89 9.65 8.36
CA PHE A 230 -12.73 10.52 8.25
C PHE A 230 -13.16 11.90 7.77
N VAL A 231 -12.80 12.93 8.53
CA VAL A 231 -13.14 14.30 8.20
C VAL A 231 -12.96 14.65 6.73
N HIS A 232 -11.74 14.51 6.22
CA HIS A 232 -11.46 14.86 4.83
C HIS A 232 -12.09 14.00 3.73
N GLU A 233 -12.39 12.73 4.00
CA GLU A 233 -13.00 11.88 2.98
C GLU A 233 -14.49 12.13 2.85
N MET A 234 -15.13 12.61 3.91
CA MET A 234 -16.57 12.89 3.86
C MET A 234 -16.91 14.17 3.07
N THR A 235 -15.92 14.72 2.39
CA THR A 235 -16.15 15.93 1.59
C THR A 235 -16.02 15.61 0.11
N ARG A 236 -16.07 14.32 -0.24
CA ARG A 236 -15.90 13.92 -1.63
C ARG A 236 -17.20 13.58 -2.37
N HIS A 237 -18.32 14.08 -1.85
CA HIS A 237 -19.61 13.89 -2.50
C HIS A 237 -19.99 12.43 -2.78
N GLU A 238 -20.25 12.12 -4.05
CA GLU A 238 -20.65 10.76 -4.42
C GLU A 238 -19.52 9.73 -4.24
N GLN A 239 -18.32 10.21 -3.93
CA GLN A 239 -17.17 9.33 -3.74
C GLN A 239 -16.72 9.27 -2.26
N SER A 240 -17.54 9.80 -1.38
CA SER A 240 -17.22 9.82 0.05
C SER A 240 -17.03 8.42 0.68
N LEU A 241 -17.95 7.49 0.42
CA LEU A 241 -17.82 6.14 1.00
C LEU A 241 -16.60 5.42 0.40
N HIS A 242 -16.33 5.67 -0.88
CA HIS A 242 -15.20 5.09 -1.58
C HIS A 242 -13.89 5.52 -0.93
N TYR A 243 -13.76 6.82 -0.68
CA TYR A 243 -12.55 7.35 -0.06
C TYR A 243 -12.41 7.02 1.42
N GLN A 244 -13.53 6.77 2.10
CA GLN A 244 -13.50 6.38 3.50
C GLN A 244 -12.81 5.00 3.53
N ASN A 245 -13.22 4.12 2.62
CA ASN A 245 -12.64 2.78 2.53
C ASN A 245 -11.19 2.85 2.04
N TYR A 246 -10.94 3.72 1.06
CA TYR A 246 -9.60 3.87 0.47
C TYR A 246 -8.55 4.25 1.51
N ALA A 247 -8.90 5.14 2.42
CA ALA A 247 -7.98 5.58 3.46
C ALA A 247 -7.59 4.44 4.40
N MET A 248 -8.44 3.42 4.51
CA MET A 248 -8.17 2.26 5.36
C MET A 248 -6.99 1.43 4.86
N LEU A 249 -6.75 1.48 3.54
CA LEU A 249 -5.67 0.71 2.94
C LEU A 249 -4.26 1.07 3.47
N PRO A 250 -3.83 2.33 3.31
CA PRO A 250 -2.48 2.63 3.84
C PRO A 250 -2.37 2.62 5.36
N LEU A 251 -3.41 3.05 6.07
CA LEU A 251 -3.39 3.05 7.53
C LEU A 251 -3.17 1.63 8.07
N THR A 252 -3.82 0.66 7.45
CA THR A 252 -3.67 -0.74 7.84
C THR A 252 -2.24 -1.22 7.62
N MET A 253 -1.63 -0.83 6.50
CA MET A 253 -0.26 -1.27 6.22
C MET A 253 0.77 -0.62 7.17
N ILE A 254 0.56 0.63 7.56
CA ILE A 254 1.50 1.25 8.49
C ILE A 254 1.46 0.48 9.81
N ALA A 255 0.24 0.15 10.26
CA ALA A 255 0.04 -0.59 11.51
C ALA A 255 0.61 -2.01 11.42
N GLU A 256 0.41 -2.70 10.30
CA GLU A 256 0.94 -4.05 10.16
C GLU A 256 2.47 -4.00 10.15
N THR A 257 3.02 -3.00 9.46
CA THR A 257 4.45 -2.85 9.37
C THR A 257 5.06 -2.49 10.73
N ALA A 258 4.38 -1.62 11.47
CA ALA A 258 4.87 -1.21 12.79
C ALA A 258 4.84 -2.38 13.77
N SER A 259 3.81 -3.21 13.65
CA SER A 259 3.66 -4.37 14.53
C SER A 259 4.85 -5.33 14.44
N ARG A 260 5.43 -5.49 13.26
CA ARG A 260 6.56 -6.38 13.07
C ARG A 260 7.83 -5.76 13.64
N GLN A 261 7.73 -4.51 14.09
CA GLN A 261 8.86 -3.82 14.70
C GLN A 261 8.63 -3.71 16.21
N GLY A 262 7.63 -4.44 16.70
CA GLY A 262 7.32 -4.45 18.12
C GLY A 262 6.46 -3.30 18.62
N ILE A 263 5.91 -2.51 17.70
CA ILE A 263 5.06 -1.37 18.06
C ILE A 263 3.59 -1.68 17.82
N ASP A 264 2.75 -1.36 18.80
CA ASP A 264 1.31 -1.63 18.71
C ASP A 264 0.54 -0.37 18.31
N LEU A 265 0.57 -0.04 17.02
CA LEU A 265 -0.14 1.15 16.53
C LEU A 265 -1.65 1.00 16.61
N TYR A 266 -2.15 -0.21 16.36
CA TYR A 266 -3.58 -0.44 16.40
C TYR A 266 -4.22 0.03 17.71
N ALA A 267 -3.49 -0.12 18.81
CA ALA A 267 -4.02 0.28 20.11
C ALA A 267 -4.06 1.78 20.36
N TYR A 268 -3.49 2.57 19.46
CA TYR A 268 -3.47 4.02 19.64
C TYR A 268 -4.83 4.68 19.41
N LYS A 269 -5.29 5.42 20.40
CA LYS A 269 -6.58 6.12 20.38
C LYS A 269 -6.46 7.62 20.54
N GLU A 270 -7.49 8.33 20.10
CA GLU A 270 -7.57 9.78 20.22
C GLU A 270 -9.03 10.16 20.44
N ASN A 271 -9.32 10.71 21.60
CA ASN A 271 -10.68 11.13 21.94
C ASN A 271 -11.73 10.04 21.75
N GLY A 272 -11.44 8.84 22.22
CA GLY A 272 -12.39 7.75 22.11
C GLY A 272 -12.63 7.24 20.70
N ARG A 273 -11.61 7.33 19.85
CA ARG A 273 -11.72 6.88 18.46
C ARG A 273 -10.39 6.29 18.02
N ASP A 274 -10.46 5.17 17.32
CA ASP A 274 -9.25 4.52 16.81
C ASP A 274 -9.57 3.97 15.44
N ILE A 275 -8.67 3.14 14.88
CA ILE A 275 -8.91 2.60 13.57
C ILE A 275 -10.12 1.67 13.52
N HIS A 276 -10.46 1.06 14.67
CA HIS A 276 -11.61 0.17 14.72
C HIS A 276 -12.89 0.95 14.50
N SER A 277 -12.92 2.21 14.96
CA SER A 277 -14.09 3.06 14.79
C SER A 277 -14.32 3.29 13.28
N ALA A 278 -13.23 3.47 12.57
CA ALA A 278 -13.28 3.70 11.13
C ALA A 278 -13.76 2.43 10.42
N ARG A 279 -13.26 1.27 10.84
CA ARG A 279 -13.71 0.02 10.24
C ARG A 279 -15.20 -0.15 10.43
N LYS A 280 -15.66 0.08 11.66
CA LYS A 280 -17.10 -0.09 11.95
C LYS A 280 -17.98 0.83 11.12
N PHE A 281 -17.50 2.04 10.84
CA PHE A 281 -18.30 2.96 10.03
C PHE A 281 -18.42 2.47 8.58
N VAL A 282 -17.32 1.96 8.02
CA VAL A 282 -17.36 1.45 6.65
C VAL A 282 -18.42 0.34 6.55
N PHE A 283 -18.35 -0.63 7.47
CA PHE A 283 -19.30 -1.74 7.44
C PHE A 283 -20.75 -1.29 7.63
N ALA A 284 -20.96 -0.32 8.51
CA ALA A 284 -22.32 0.18 8.78
C ALA A 284 -22.87 1.01 7.63
N ALA A 285 -22.01 1.78 6.97
CA ALA A 285 -22.43 2.64 5.86
C ALA A 285 -22.77 1.81 4.60
N VAL A 286 -22.07 0.69 4.41
CA VAL A 286 -22.37 -0.18 3.27
C VAL A 286 -23.72 -0.87 3.49
N LYS A 287 -24.03 -1.21 4.74
CA LYS A 287 -25.32 -1.86 5.02
C LYS A 287 -26.45 -0.84 4.97
N ASN A 288 -26.19 0.36 5.48
CA ASN A 288 -27.17 1.43 5.51
C ASN A 288 -26.57 2.74 4.98
N PRO A 289 -26.62 2.91 3.65
CA PRO A 289 -26.09 4.10 2.97
C PRO A 289 -26.71 5.42 3.44
N ASP A 290 -27.78 5.35 4.20
CA ASP A 290 -28.41 6.56 4.70
C ASP A 290 -27.49 7.30 5.67
N LEU A 291 -26.56 6.58 6.31
CA LEU A 291 -25.63 7.20 7.24
C LEU A 291 -24.77 8.26 6.54
N ILE A 292 -24.51 8.07 5.25
CA ILE A 292 -23.69 9.01 4.50
C ILE A 292 -24.43 10.32 4.23
N LYS A 293 -25.76 10.28 4.32
CA LYS A 293 -26.60 11.46 4.07
C LYS A 293 -26.29 12.66 4.97
N LYS A 294 -25.63 12.42 6.11
CA LYS A 294 -25.28 13.52 7.00
C LYS A 294 -24.11 14.32 6.42
N TYR A 295 -23.39 13.73 5.48
CA TYR A 295 -22.24 14.38 4.87
C TYR A 295 -22.38 14.72 3.40
N ALA A 296 -23.13 13.90 2.66
CA ALA A 296 -23.30 14.13 1.24
C ALA A 296 -24.67 13.62 0.80
N SER A 297 -25.34 14.42 -0.02
CA SER A 297 -26.66 14.06 -0.51
C SER A 297 -26.66 13.21 -1.79
N GLU A 298 -25.53 13.17 -2.49
CA GLU A 298 -25.42 12.39 -3.73
C GLU A 298 -25.41 10.87 -3.51
N PRO A 299 -25.95 10.11 -4.48
CA PRO A 299 -25.95 8.65 -4.36
C PRO A 299 -24.49 8.20 -4.36
N GLN A 300 -24.14 7.25 -3.50
CA GLN A 300 -22.76 6.78 -3.41
C GLN A 300 -22.31 5.73 -4.42
N ASP A 301 -21.11 5.93 -4.95
CA ASP A 301 -20.52 5.00 -5.91
C ASP A 301 -19.93 3.86 -5.06
N THR A 302 -20.46 2.65 -5.24
CA THR A 302 -19.98 1.50 -4.46
C THR A 302 -19.25 0.44 -5.29
N ARG A 303 -18.56 0.87 -6.34
CA ARG A 303 -17.82 -0.05 -7.19
C ARG A 303 -16.75 -0.84 -6.44
N ALA A 304 -16.16 -0.22 -5.42
CA ALA A 304 -15.11 -0.87 -4.63
C ALA A 304 -15.58 -1.99 -3.72
N PHE A 305 -16.88 -2.05 -3.46
CA PHE A 305 -17.40 -3.06 -2.57
C PHE A 305 -18.02 -4.29 -3.22
N LYS A 306 -17.26 -4.90 -4.11
CA LYS A 306 -17.67 -6.12 -4.80
C LYS A 306 -16.59 -7.14 -4.47
N PRO A 307 -16.98 -8.42 -4.26
CA PRO A 307 -16.01 -9.47 -3.94
C PRO A 307 -14.89 -9.45 -4.96
N GLY A 308 -13.65 -9.56 -4.51
CA GLY A 308 -12.54 -9.57 -5.43
C GLY A 308 -11.88 -8.23 -5.72
N ARG A 309 -12.48 -7.13 -5.29
CA ARG A 309 -11.88 -5.81 -5.52
C ARG A 309 -10.63 -5.62 -4.66
N GLY A 310 -9.56 -5.10 -5.27
CA GLY A 310 -8.34 -4.86 -4.53
C GLY A 310 -8.52 -3.90 -3.37
N ASP A 311 -9.54 -3.04 -3.46
CA ASP A 311 -9.87 -2.04 -2.42
C ASP A 311 -10.18 -2.68 -1.06
N LEU A 312 -10.48 -3.98 -1.06
CA LEU A 312 -10.82 -4.68 0.18
C LEU A 312 -9.65 -5.43 0.83
N ASN A 313 -8.45 -5.26 0.29
CA ASN A 313 -7.27 -5.95 0.80
C ASN A 313 -7.02 -5.75 2.30
N TRP A 314 -7.30 -4.55 2.81
CA TRP A 314 -7.05 -4.28 4.23
C TRP A 314 -7.84 -5.18 5.18
N ILE A 315 -9.01 -5.66 4.75
CA ILE A 315 -9.85 -6.52 5.59
C ILE A 315 -9.16 -7.85 5.87
N GLU A 316 -8.41 -8.37 4.89
CA GLU A 316 -7.71 -9.65 5.08
C GLU A 316 -6.70 -9.53 6.22
N TYR A 317 -5.95 -8.43 6.24
CA TYR A 317 -4.95 -8.22 7.29
C TYR A 317 -5.58 -8.03 8.67
N GLN A 318 -6.56 -7.13 8.76
CA GLN A 318 -7.21 -6.86 10.02
C GLN A 318 -8.00 -8.04 10.57
N ARG A 319 -8.70 -8.74 9.69
CA ARG A 319 -9.50 -9.88 10.12
C ARG A 319 -8.61 -11.01 10.66
N ALA A 320 -7.47 -11.22 10.01
CA ALA A 320 -6.55 -12.26 10.42
C ALA A 320 -6.02 -11.98 11.82
N ARG A 321 -5.86 -10.70 12.13
CA ARG A 321 -5.33 -10.29 13.42
C ARG A 321 -6.37 -10.19 14.53
N PHE A 322 -7.52 -9.58 14.25
CA PHE A 322 -8.54 -9.41 15.26
C PHE A 322 -9.68 -10.43 15.27
N GLY A 323 -9.86 -11.11 14.15
CA GLY A 323 -10.89 -12.12 14.09
C GLY A 323 -12.35 -11.69 14.09
N PHE A 324 -12.65 -10.45 13.71
CA PHE A 324 -14.04 -10.03 13.66
C PHE A 324 -14.76 -10.77 12.52
N ALA A 325 -16.09 -10.77 12.55
CA ALA A 325 -16.86 -11.47 11.52
C ALA A 325 -16.92 -10.73 10.17
N ASP A 326 -17.05 -11.49 9.08
CA ASP A 326 -17.16 -10.89 7.75
C ASP A 326 -18.65 -10.60 7.57
N GLU A 327 -19.11 -9.53 8.20
CA GLU A 327 -20.52 -9.10 8.18
C GLU A 327 -21.17 -8.93 6.82
N LEU A 328 -20.41 -8.39 5.86
CA LEU A 328 -20.95 -8.13 4.52
C LEU A 328 -20.74 -9.25 3.51
N GLY A 329 -20.05 -10.30 3.90
CA GLY A 329 -19.79 -11.40 3.00
C GLY A 329 -18.87 -11.04 1.84
N PHE A 330 -17.91 -10.17 2.09
CA PHE A 330 -16.95 -9.72 1.07
C PHE A 330 -15.83 -10.72 0.82
N MET A 331 -15.42 -11.44 1.86
CA MET A 331 -14.31 -12.37 1.73
C MET A 331 -14.62 -13.72 1.08
N THR A 332 -15.10 -13.69 -0.16
CA THR A 332 -15.40 -14.92 -0.88
C THR A 332 -14.24 -15.24 -1.83
N VAL A 333 -14.07 -14.47 -2.89
CA VAL A 333 -12.96 -14.71 -3.80
C VAL A 333 -11.68 -14.04 -3.28
N PRO A 334 -10.51 -14.46 -3.78
CA PRO A 334 -9.24 -13.88 -3.35
C PRO A 334 -9.10 -12.42 -3.71
N ILE A 335 -8.30 -11.70 -2.93
CA ILE A 335 -8.08 -10.29 -3.18
C ILE A 335 -6.59 -10.05 -3.45
N PHE A 336 -6.31 -9.16 -4.40
CA PHE A 336 -4.94 -8.86 -4.76
C PHE A 336 -4.82 -7.36 -5.03
N ASP A 337 -3.91 -6.71 -4.32
CA ASP A 337 -3.68 -5.28 -4.51
C ASP A 337 -2.19 -4.97 -4.40
N PRO A 338 -1.53 -4.67 -5.53
CA PRO A 338 -0.10 -4.36 -5.52
C PRO A 338 0.32 -3.32 -4.48
N ARG A 339 -0.48 -2.25 -4.37
CA ARG A 339 -0.19 -1.13 -3.47
C ARG A 339 -0.22 -1.44 -1.97
N THR A 340 -0.85 -2.55 -1.59
CA THR A 340 -0.87 -2.96 -0.20
C THR A 340 -0.27 -4.36 -0.01
N GLY A 341 0.86 -4.59 -0.69
CA GLY A 341 1.59 -5.84 -0.59
C GLY A 341 1.15 -7.05 -1.41
N GLY A 342 0.35 -6.84 -2.46
CA GLY A 342 -0.07 -7.97 -3.25
C GLY A 342 -1.33 -8.66 -2.72
N SER A 343 -1.32 -9.98 -2.67
CA SER A 343 -2.49 -10.70 -2.21
C SER A 343 -2.60 -10.89 -0.70
N ALA A 344 -3.53 -10.17 -0.07
CA ALA A 344 -3.71 -10.30 1.37
C ALA A 344 -4.29 -11.66 1.72
N THR A 345 -5.01 -12.26 0.79
CA THR A 345 -5.58 -13.59 1.02
C THR A 345 -4.45 -14.61 1.16
N LEU A 346 -3.47 -14.51 0.26
CA LEU A 346 -2.31 -15.40 0.25
C LEU A 346 -1.41 -15.21 1.49
N LEU A 347 -1.20 -13.95 1.87
CA LEU A 347 -0.31 -13.63 2.97
C LEU A 347 -0.87 -13.55 4.37
N ALA A 348 -2.20 -13.48 4.54
CA ALA A 348 -2.76 -13.36 5.87
C ALA A 348 -4.00 -14.21 6.18
N TYR A 349 -4.79 -14.52 5.18
CA TYR A 349 -6.00 -15.31 5.41
C TYR A 349 -5.71 -16.68 6.02
N LYS A 350 -6.34 -16.93 7.16
CA LYS A 350 -6.17 -18.21 7.85
C LYS A 350 -7.53 -18.86 8.06
N PRO A 351 -7.82 -19.95 7.33
CA PRO A 351 -9.11 -20.62 7.48
C PRO A 351 -9.23 -21.37 8.79
C1 GCU B . -7.19 7.87 -6.44
C2 GCU B . -8.49 7.07 -6.32
C3 GCU B . -8.17 5.58 -6.46
C4 GCU B . -7.38 5.32 -7.75
C5 GCU B . -6.17 6.25 -7.87
C6 GCU B . -5.43 6.07 -9.19
O1 GCU B . -7.45 9.23 -6.35
O2 GCU B . -9.39 7.46 -7.37
O3 GCU B . -9.38 4.84 -6.45
O4 GCU B . -6.92 3.96 -7.72
O5 GCU B . -6.58 7.62 -7.71
O6A GCU B . -4.67 5.08 -9.32
O6B GCU B . -5.58 6.92 -10.09
C1 MAV B . -7.26 3.13 -8.77
C2 MAV B . -6.61 1.76 -8.55
O2 MAV B . -6.98 1.27 -7.28
C3 MAV B . -7.05 0.80 -9.65
O3 MAV B . -6.58 -0.50 -9.33
C4 MAV B . -8.58 0.76 -9.77
O4 MAV B . -8.93 -0.03 -10.93
C5 MAV B . -9.16 2.18 -9.89
O5 MAV B . -8.69 3.00 -8.80
C6 MAV B . -10.68 2.19 -9.91
O6A MAV B . -11.30 2.08 -8.84
O6B MAV B . -11.26 2.31 -11.02
C1 MAW B . -9.86 -1.03 -10.76
C2 MAW B . -10.30 -1.58 -12.13
O2 MAW B . -9.15 -1.98 -12.88
C3 MAW B . -11.20 -2.77 -11.87
O3 MAW B . -11.94 -3.27 -12.98
C4 MAW B . -10.83 -3.72 -10.78
C5 MAW B . -10.13 -3.18 -9.64
O5 MAW B . -9.25 -2.08 -9.94
C6 MAW B . -9.70 -4.10 -8.62
O6A MAW B . -10.11 -5.28 -8.67
O6B MAW B . -8.94 -3.68 -7.73
S SO4 C . -4.30 20.41 -2.29
O1 SO4 C . -5.50 20.18 -3.12
O2 SO4 C . -3.18 19.62 -2.83
O3 SO4 C . -3.96 21.84 -2.31
O4 SO4 C . -4.57 19.99 -0.90
#